data_5E1X
#
_entry.id   5E1X
#
_cell.length_a   71.140
_cell.length_b   71.140
_cell.length_c   87.620
_cell.angle_alpha   90.00
_cell.angle_beta   90.00
_cell.angle_gamma   120.00
#
_symmetry.space_group_name_H-M   'P 31 2 1'
#
loop_
_entity.id
_entity.type
_entity.pdbx_description
1 polymer 'Transcriptional regulator, MarR family'
2 non-polymer 3,4-dichlorophenol
3 water water
#
_entity_poly.entity_id   1
_entity_poly.type   'polypeptide(L)'
_entity_poly.pdbx_seq_one_letter_code
;MAHHHHHHSSGLEVLFQGPNEFETLELEHLLWVNITQVKHSIERAWTRELKSLNLSTEKFAILHELMCLGGESTPHTLAR
RIVFEPHSVSAIVSRMEKDGLIIKTKDLDKKHMVRIKLSEKAIDTFYQALEISNRVYKQMMASITREEKVELSKTLTKLR
NHTLPLTHKHTKTLTPFKYI
;
_entity_poly.pdbx_strand_id   A
#
loop_
_chem_comp.id
_chem_comp.type
_chem_comp.name
_chem_comp.formula
5JD non-polymer 3,4-dichlorophenol 'C6 H4 Cl2 O'
#
# COMPACT_ATOMS: atom_id res chain seq x y z
N LEU A 12 13.05 -9.02 46.53
CA LEU A 12 11.70 -8.69 45.96
C LEU A 12 11.53 -8.96 44.46
N GLU A 13 12.18 -8.15 43.55
CA GLU A 13 12.20 -8.54 42.08
C GLU A 13 12.88 -9.91 41.94
N VAL A 14 12.28 -10.76 41.14
N VAL A 14 12.26 -10.80 41.16
CA VAL A 14 12.90 -12.02 40.91
CA VAL A 14 12.76 -12.18 40.86
C VAL A 14 14.21 -11.74 40.12
C VAL A 14 14.02 -12.07 39.94
N LEU A 15 15.10 -12.74 40.31
CA LEU A 15 16.40 -12.67 39.60
C LEU A 15 16.35 -13.55 38.35
N PHE A 16 17.16 -13.09 37.38
CA PHE A 16 17.48 -13.93 36.18
C PHE A 16 16.31 -14.00 35.18
N GLN A 17 15.44 -12.99 35.25
N GLN A 17 15.41 -13.03 35.25
CA GLN A 17 14.24 -13.05 34.39
CA GLN A 17 14.27 -13.16 34.30
C GLN A 17 14.22 -12.01 33.30
C GLN A 17 14.05 -11.86 33.50
N GLY A 18 15.02 -10.97 33.49
CA GLY A 18 14.84 -9.70 32.76
C GLY A 18 15.38 -9.96 31.35
N PRO A 19 15.20 -8.89 30.50
CA PRO A 19 15.40 -9.18 29.09
CA PRO A 19 15.47 -8.98 29.04
C PRO A 19 16.85 -9.49 28.77
N ASN A 20 16.99 -10.32 27.72
CA ASN A 20 18.33 -10.74 27.28
C ASN A 20 18.85 -9.85 26.16
N GLU A 21 20.05 -10.19 25.70
CA GLU A 21 20.73 -9.36 24.76
C GLU A 21 20.06 -9.13 23.40
N PHE A 22 19.14 -10.06 23.10
CA PHE A 22 18.46 -10.00 21.81
C PHE A 22 17.38 -8.97 21.78
N GLU A 23 17.07 -8.34 22.91
CA GLU A 23 16.10 -7.26 23.00
C GLU A 23 16.74 -5.94 22.76
N THR A 24 18.08 -5.86 22.68
CA THR A 24 18.68 -4.58 22.34
C THR A 24 19.20 -4.71 20.89
N LEU A 25 18.67 -3.82 20.05
CA LEU A 25 18.90 -3.89 18.60
C LEU A 25 19.77 -2.76 18.10
N GLU A 26 20.38 -2.96 16.93
CA GLU A 26 20.87 -1.82 16.25
C GLU A 26 19.75 -0.89 15.84
N LEU A 27 19.91 0.43 15.83
CA LEU A 27 18.81 1.33 15.54
C LEU A 27 18.21 1.03 14.14
N GLU A 28 19.02 0.63 13.15
CA GLU A 28 18.44 0.35 11.83
C GLU A 28 17.52 -0.88 11.84
N HIS A 29 17.84 -1.87 12.70
CA HIS A 29 16.95 -3.03 12.82
C HIS A 29 15.71 -2.57 13.57
N LEU A 30 15.80 -1.76 14.64
CA LEU A 30 14.62 -1.28 15.33
C LEU A 30 13.75 -0.49 14.34
N LEU A 31 14.33 0.29 13.43
CA LEU A 31 13.55 0.99 12.45
C LEU A 31 12.74 0.02 11.55
N TRP A 32 13.37 -1.07 11.16
CA TRP A 32 12.60 -2.08 10.39
CA TRP A 32 12.57 -2.10 10.39
C TRP A 32 11.44 -2.60 11.23
N VAL A 33 11.66 -2.92 12.49
CA VAL A 33 10.53 -3.39 13.36
C VAL A 33 9.50 -2.26 13.43
N ASN A 34 9.88 -1.02 13.61
CA ASN A 34 8.89 0.06 13.72
C ASN A 34 8.07 0.20 12.43
N ILE A 35 8.74 0.14 11.26
CA ILE A 35 8.04 0.24 9.95
C ILE A 35 7.04 -0.92 9.88
N THR A 36 7.47 -2.12 10.18
CA THR A 36 6.57 -3.27 10.02
CA THR A 36 6.58 -3.31 10.14
C THR A 36 5.41 -3.12 11.02
N GLN A 37 5.59 -2.65 12.24
N GLN A 37 5.59 -2.69 12.25
CA GLN A 37 4.53 -2.58 13.19
CA GLN A 37 4.53 -2.63 13.20
C GLN A 37 3.53 -1.50 12.80
C GLN A 37 3.53 -1.52 12.82
N VAL A 38 4.03 -0.35 12.33
CA VAL A 38 3.05 0.66 11.93
C VAL A 38 2.24 0.24 10.71
N LYS A 39 2.94 -0.42 9.74
CA LYS A 39 2.18 -0.86 8.53
C LYS A 39 1.12 -1.88 8.96
N HIS A 40 1.47 -2.82 9.85
CA HIS A 40 0.45 -3.78 10.21
CA HIS A 40 0.43 -3.77 10.27
C HIS A 40 -0.69 -3.13 11.01
N SER A 41 -0.36 -2.21 11.92
CA SER A 41 -1.34 -1.58 12.75
CA SER A 41 -1.35 -1.53 12.77
CA SER A 41 -1.41 -1.60 12.79
C SER A 41 -2.33 -0.71 11.97
N ILE A 42 -1.76 0.19 11.14
N ILE A 42 -1.84 0.05 11.00
CA ILE A 42 -2.64 1.11 10.39
CA ILE A 42 -2.76 0.90 10.27
C ILE A 42 -3.45 0.35 9.39
C ILE A 42 -3.54 0.03 9.31
N GLU A 43 -2.95 -0.73 8.76
N GLU A 43 -2.89 -0.89 8.63
CA GLU A 43 -3.69 -1.48 7.76
CA GLU A 43 -3.61 -1.66 7.67
C GLU A 43 -4.80 -2.32 8.39
C GLU A 43 -4.76 -2.41 8.35
N ARG A 44 -4.56 -2.88 9.56
CA ARG A 44 -5.61 -3.72 10.20
C ARG A 44 -6.81 -2.80 10.56
N ALA A 45 -6.61 -1.61 11.03
CA ALA A 45 -7.68 -0.73 11.41
C ALA A 45 -8.35 -0.21 10.08
N TRP A 46 -7.57 0.14 9.06
CA TRP A 46 -8.20 0.62 7.83
C TRP A 46 -9.02 -0.50 7.20
N THR A 47 -8.53 -1.72 7.12
CA THR A 47 -9.22 -2.84 6.43
C THR A 47 -10.56 -3.07 7.10
N ARG A 48 -10.64 -2.95 8.40
CA ARG A 48 -11.98 -3.16 9.05
C ARG A 48 -12.94 -2.07 8.68
N GLU A 49 -12.46 -0.82 8.54
CA GLU A 49 -13.41 0.24 8.13
C GLU A 49 -13.80 0.18 6.72
N LEU A 50 -13.05 -0.44 5.83
CA LEU A 50 -13.38 -0.59 4.42
C LEU A 50 -14.08 -1.85 4.04
N LYS A 51 -14.34 -2.68 5.10
CA LYS A 51 -14.92 -4.03 4.86
C LYS A 51 -16.23 -4.04 4.08
N SER A 52 -17.00 -3.01 4.27
CA SER A 52 -18.32 -3.03 3.55
C SER A 52 -18.17 -2.85 2.05
N LEU A 53 -17.02 -2.32 1.59
CA LEU A 53 -16.72 -2.24 0.22
C LEU A 53 -15.88 -3.42 -0.31
N ASN A 54 -15.59 -4.41 0.56
CA ASN A 54 -14.76 -5.59 0.18
C ASN A 54 -13.45 -5.24 -0.48
N LEU A 55 -12.74 -4.27 0.11
CA LEU A 55 -11.48 -3.83 -0.41
C LEU A 55 -10.36 -4.05 0.53
N SER A 56 -9.41 -4.84 0.12
CA SER A 56 -8.16 -4.93 0.84
C SER A 56 -7.25 -3.72 0.51
N THR A 57 -6.19 -3.51 1.23
CA THR A 57 -5.26 -2.49 0.91
C THR A 57 -4.71 -2.62 -0.50
N GLU A 58 -4.24 -3.79 -0.94
N GLU A 58 -4.60 -3.93 -0.89
CA GLU A 58 -3.74 -3.92 -2.28
CA GLU A 58 -3.98 -4.35 -2.12
C GLU A 58 -4.86 -3.75 -3.37
C GLU A 58 -4.83 -3.83 -3.26
N LYS A 59 -6.11 -4.20 -3.13
CA LYS A 59 -7.12 -3.93 -4.19
C LYS A 59 -7.33 -2.38 -4.24
N PHE A 60 -7.35 -1.70 -3.09
CA PHE A 60 -7.51 -0.25 -3.17
C PHE A 60 -6.32 0.37 -3.87
N ALA A 61 -5.08 -0.06 -3.57
CA ALA A 61 -3.94 0.57 -4.24
C ALA A 61 -4.02 0.36 -5.75
N ILE A 62 -4.41 -0.83 -6.24
CA ILE A 62 -4.47 -1.04 -7.70
C ILE A 62 -5.64 -0.19 -8.30
N LEU A 63 -6.80 -0.11 -7.60
N LEU A 63 -6.78 -0.15 -7.63
CA LEU A 63 -7.91 0.80 -8.06
CA LEU A 63 -7.88 0.67 -8.09
C LEU A 63 -7.37 2.21 -8.23
C LEU A 63 -7.43 2.16 -8.17
N HIS A 64 -6.70 2.66 -7.16
CA HIS A 64 -6.16 4.02 -7.18
C HIS A 64 -5.17 4.22 -8.34
N GLU A 65 -4.19 3.30 -8.52
CA GLU A 65 -3.29 3.49 -9.63
C GLU A 65 -3.96 3.50 -10.96
N LEU A 66 -4.98 2.62 -11.11
CA LEU A 66 -5.69 2.64 -12.43
C LEU A 66 -6.53 3.98 -12.59
N MET A 67 -7.06 4.56 -11.46
CA MET A 67 -7.67 5.89 -11.62
C MET A 67 -6.65 6.91 -12.01
N CYS A 68 -5.38 6.86 -11.53
CA CYS A 68 -4.39 7.83 -12.00
C CYS A 68 -4.09 7.64 -13.50
N LEU A 69 -4.26 6.39 -14.00
CA LEU A 69 -4.00 6.11 -15.41
C LEU A 69 -5.26 6.29 -16.24
N GLY A 70 -6.29 6.96 -15.75
CA GLY A 70 -7.48 7.19 -16.54
C GLY A 70 -8.40 6.03 -16.67
N GLY A 71 -8.30 5.08 -15.77
CA GLY A 71 -9.17 3.92 -15.71
C GLY A 71 -8.86 2.79 -16.67
N GLU A 72 -7.77 2.92 -17.41
N GLU A 72 -7.83 2.94 -17.46
CA GLU A 72 -7.50 1.94 -18.55
CA GLU A 72 -7.49 1.81 -18.32
C GLU A 72 -5.99 1.90 -18.74
C GLU A 72 -5.96 1.86 -18.43
N SER A 73 -5.36 0.68 -18.63
CA SER A 73 -3.92 0.60 -18.90
C SER A 73 -3.67 -0.80 -19.35
N THR A 74 -2.40 -1.19 -19.15
CA THR A 74 -1.98 -2.58 -19.47
C THR A 74 -1.29 -3.14 -18.23
N PRO A 75 -1.16 -4.44 -18.11
CA PRO A 75 -0.42 -4.96 -16.94
C PRO A 75 1.00 -4.42 -16.82
N HIS A 76 1.77 -4.25 -17.93
CA HIS A 76 3.12 -3.80 -17.73
C HIS A 76 3.22 -2.38 -17.33
N THR A 77 2.30 -1.52 -17.83
CA THR A 77 2.37 -0.16 -17.37
C THR A 77 1.90 0.01 -15.88
N LEU A 78 0.88 -0.75 -15.48
CA LEU A 78 0.44 -0.73 -14.11
C LEU A 78 1.58 -1.21 -13.17
N ALA A 79 2.29 -2.27 -13.58
CA ALA A 79 3.36 -2.81 -12.71
C ALA A 79 4.45 -1.76 -12.61
N ARG A 80 4.84 -1.06 -13.67
CA ARG A 80 5.91 -0.07 -13.58
C ARG A 80 5.58 1.03 -12.56
N ARG A 81 4.26 1.36 -12.41
CA ARG A 81 3.87 2.51 -11.60
C ARG A 81 3.79 2.20 -10.08
N ILE A 82 3.70 0.91 -9.73
CA ILE A 82 3.41 0.50 -8.30
C ILE A 82 4.62 -0.29 -7.82
N VAL A 83 4.80 -0.31 -6.51
CA VAL A 83 5.98 -0.92 -5.95
C VAL A 83 5.91 -2.43 -5.98
N PHE A 84 4.69 -2.96 -6.00
CA PHE A 84 4.50 -4.42 -5.79
C PHE A 84 5.16 -5.23 -6.89
N GLU A 85 5.43 -6.50 -6.57
CA GLU A 85 6.01 -7.36 -7.62
C GLU A 85 5.00 -7.67 -8.68
N PRO A 86 5.46 -7.88 -9.93
CA PRO A 86 4.51 -8.14 -11.06
C PRO A 86 3.63 -9.31 -10.79
N HIS A 87 4.10 -10.45 -10.21
CA HIS A 87 3.21 -11.57 -10.00
C HIS A 87 2.14 -11.22 -9.01
N SER A 88 2.44 -10.29 -8.10
CA SER A 88 1.49 -9.83 -7.10
CA SER A 88 1.43 -9.94 -7.12
C SER A 88 0.42 -8.99 -7.78
N VAL A 89 0.88 -8.11 -8.61
CA VAL A 89 -0.02 -7.19 -9.36
C VAL A 89 -0.95 -8.12 -10.18
N SER A 90 -0.41 -9.15 -10.81
CA SER A 90 -1.29 -9.97 -11.65
CA SER A 90 -1.28 -9.99 -11.63
C SER A 90 -2.30 -10.74 -10.83
N ALA A 91 -1.91 -11.29 -9.69
CA ALA A 91 -2.84 -12.01 -8.86
C ALA A 91 -3.93 -11.08 -8.35
N ILE A 92 -3.57 -9.84 -8.00
CA ILE A 92 -4.59 -8.90 -7.46
C ILE A 92 -5.55 -8.56 -8.60
N VAL A 93 -5.02 -8.27 -9.78
CA VAL A 93 -5.86 -7.92 -10.94
C VAL A 93 -6.85 -9.10 -11.24
N SER A 94 -6.30 -10.33 -11.19
N SER A 94 -6.37 -10.36 -11.15
CA SER A 94 -7.12 -11.48 -11.37
CA SER A 94 -7.51 -11.60 -11.76
CA SER A 94 -7.25 -11.53 -11.34
C SER A 94 -8.26 -11.55 -10.42
C SER A 94 -8.36 -11.59 -10.32
N ARG A 95 -8.04 -11.29 -9.12
CA ARG A 95 -9.10 -11.33 -8.06
C ARG A 95 -10.10 -10.20 -8.31
N MET A 96 -9.59 -9.07 -8.77
CA MET A 96 -10.49 -7.94 -9.05
C MET A 96 -11.33 -8.20 -10.28
N GLU A 97 -10.83 -8.96 -11.25
CA GLU A 97 -11.59 -9.35 -12.47
C GLU A 97 -12.74 -10.23 -11.96
N LYS A 98 -12.47 -11.13 -11.00
CA LYS A 98 -13.53 -12.01 -10.51
C LYS A 98 -14.51 -11.23 -9.68
N ASP A 99 -14.11 -10.13 -9.02
CA ASP A 99 -14.99 -9.30 -8.25
C ASP A 99 -15.81 -8.36 -9.26
N GLY A 100 -15.54 -8.29 -10.55
CA GLY A 100 -16.25 -7.41 -11.51
C GLY A 100 -15.70 -5.99 -11.48
N LEU A 101 -14.52 -5.81 -10.89
CA LEU A 101 -13.90 -4.49 -10.77
CA LEU A 101 -13.93 -4.47 -10.79
C LEU A 101 -13.06 -4.16 -11.98
N ILE A 102 -12.47 -5.18 -12.66
CA ILE A 102 -11.60 -4.96 -13.82
C ILE A 102 -12.15 -5.80 -14.95
N ILE A 103 -12.18 -5.21 -16.13
CA ILE A 103 -12.50 -5.95 -17.37
C ILE A 103 -11.20 -6.09 -18.12
N LYS A 104 -10.85 -7.33 -18.55
CA LYS A 104 -9.67 -7.52 -19.38
C LYS A 104 -10.05 -7.79 -20.80
N THR A 105 -9.44 -7.13 -21.72
CA THR A 105 -9.81 -7.36 -23.14
C THR A 105 -8.55 -7.56 -23.95
N LYS A 106 -8.60 -8.44 -24.95
CA LYS A 106 -7.47 -8.57 -25.83
C LYS A 106 -7.24 -7.39 -26.63
N ASP A 107 -6.02 -6.87 -26.72
CA ASP A 107 -5.74 -5.80 -27.61
C ASP A 107 -6.03 -6.25 -29.10
N LEU A 108 -6.68 -5.41 -29.91
CA LEU A 108 -7.17 -5.95 -31.23
C LEU A 108 -6.08 -6.14 -32.29
N LYS A 110 -2.31 -6.07 -31.29
CA LYS A 110 -1.21 -6.79 -30.65
C LYS A 110 -1.59 -8.16 -30.05
N LYS A 111 -1.30 -9.24 -30.78
CA LYS A 111 -1.58 -10.58 -30.30
C LYS A 111 -0.90 -10.77 -28.92
N HIS A 112 -1.63 -11.35 -27.97
CA HIS A 112 -1.17 -11.60 -26.60
C HIS A 112 -1.12 -10.43 -25.62
N MET A 113 -1.35 -9.21 -26.13
CA MET A 113 -1.40 -8.10 -25.14
C MET A 113 -2.86 -7.92 -24.62
N VAL A 114 -2.97 -7.71 -23.30
CA VAL A 114 -4.21 -7.55 -22.56
C VAL A 114 -4.35 -6.06 -22.18
N ARG A 115 -5.57 -5.56 -22.32
CA ARG A 115 -5.80 -4.18 -21.71
C ARG A 115 -6.69 -4.44 -20.55
N ILE A 116 -6.46 -3.64 -19.46
CA ILE A 116 -7.20 -3.78 -18.25
C ILE A 116 -7.95 -2.43 -18.01
N LYS A 117 -9.25 -2.54 -17.74
CA LYS A 117 -10.11 -1.33 -17.55
C LYS A 117 -10.93 -1.51 -16.35
N LEU A 118 -11.08 -0.36 -15.58
CA LEU A 118 -11.99 -0.40 -14.47
C LEU A 118 -13.45 -0.38 -14.94
N SER A 119 -14.27 -1.15 -14.28
CA SER A 119 -15.70 -1.08 -14.55
C SER A 119 -16.31 0.14 -13.87
N GLU A 120 -17.38 0.74 -14.44
N GLU A 120 -17.62 0.25 -14.18
CA GLU A 120 -18.02 1.83 -13.64
CA GLU A 120 -18.33 1.41 -13.70
C GLU A 120 -18.40 1.37 -12.10
C GLU A 120 -18.41 1.36 -12.28
N LYS A 121 -18.72 0.13 -11.82
CA LYS A 121 -18.81 -0.31 -10.46
C LYS A 121 -17.50 0.03 -9.65
N ALA A 122 -16.39 -0.32 -10.27
CA ALA A 122 -15.11 -0.10 -9.56
C ALA A 122 -14.89 1.40 -9.32
N ILE A 123 -15.23 2.21 -10.32
CA ILE A 123 -14.96 3.66 -10.19
C ILE A 123 -15.89 4.22 -9.09
N ASP A 124 -17.17 3.77 -9.05
CA ASP A 124 -18.06 4.21 -7.99
C ASP A 124 -17.58 3.70 -6.60
N THR A 125 -17.03 2.48 -6.59
CA THR A 125 -16.48 1.92 -5.32
C THR A 125 -15.30 2.81 -4.88
N PHE A 126 -14.44 3.20 -5.84
CA PHE A 126 -13.30 4.03 -5.48
C PHE A 126 -13.80 5.38 -4.94
N TYR A 127 -14.90 5.91 -5.58
N TYR A 127 -14.84 5.96 -5.53
CA TYR A 127 -15.60 7.17 -5.07
CA TYR A 127 -15.17 7.21 -4.91
C TYR A 127 -15.75 7.05 -3.58
C TYR A 127 -15.66 7.05 -3.50
N GLN A 128 -16.39 5.97 -3.20
CA GLN A 128 -16.73 5.80 -1.80
C GLN A 128 -15.50 5.51 -0.91
N ALA A 129 -14.62 4.69 -1.44
CA ALA A 129 -13.47 4.22 -0.63
C ALA A 129 -12.49 5.35 -0.39
N LEU A 130 -12.25 6.24 -1.39
CA LEU A 130 -11.29 7.29 -1.13
C LEU A 130 -11.75 8.23 -0.03
N GLU A 131 -13.08 8.56 -0.02
CA GLU A 131 -13.56 9.44 1.03
C GLU A 131 -13.44 8.79 2.44
N ILE A 132 -13.78 7.49 2.51
CA ILE A 132 -13.64 6.86 3.86
C ILE A 132 -12.17 6.77 4.23
N SER A 133 -11.36 6.36 3.23
N SER A 133 -11.30 6.40 3.26
CA SER A 133 -9.94 6.19 3.48
CA SER A 133 -9.85 6.23 3.58
C SER A 133 -9.23 7.46 3.97
C SER A 133 -9.23 7.53 4.05
N ASN A 134 -9.58 8.62 3.36
CA ASN A 134 -9.03 9.86 3.82
C ASN A 134 -9.42 10.16 5.29
N ARG A 135 -10.71 9.87 5.57
N ARG A 135 -10.66 9.92 5.66
CA ARG A 135 -11.27 9.99 6.93
CA ARG A 135 -11.32 10.61 7.02
CA ARG A 135 -10.96 10.16 7.06
C ARG A 135 -10.49 9.18 7.96
C ARG A 135 -10.22 9.21 7.97
N VAL A 136 -10.19 7.94 7.57
CA VAL A 136 -9.49 6.97 8.43
C VAL A 136 -8.05 7.35 8.65
N TYR A 137 -7.33 7.67 7.57
N TYR A 137 -7.29 7.73 7.60
CA TYR A 137 -5.92 8.01 7.76
CA TYR A 137 -5.85 8.06 7.85
C TYR A 137 -5.78 9.32 8.59
C TYR A 137 -5.69 9.41 8.52
N LYS A 138 -6.66 10.31 8.34
CA LYS A 138 -6.56 11.58 9.12
C LYS A 138 -6.76 11.30 10.61
N GLN A 139 -7.77 10.47 10.94
CA GLN A 139 -7.97 10.25 12.38
C GLN A 139 -6.83 9.44 12.98
N MET A 140 -6.34 8.45 12.26
N MET A 140 -6.35 8.44 12.25
CA MET A 140 -5.18 7.64 12.71
CA MET A 140 -5.20 7.59 12.69
C MET A 140 -3.95 8.40 13.02
C MET A 140 -3.93 8.36 12.98
N MET A 141 -3.67 9.42 12.22
CA MET A 141 -2.40 10.12 12.33
C MET A 141 -2.59 11.47 13.05
N ALA A 142 -3.68 11.62 13.77
CA ALA A 142 -3.94 12.96 14.42
C ALA A 142 -2.97 13.16 15.60
N SER A 143 -2.28 12.14 16.06
CA SER A 143 -1.39 12.33 17.21
C SER A 143 -0.02 12.83 16.82
N ILE A 144 0.26 12.94 15.51
CA ILE A 144 1.53 13.57 15.12
C ILE A 144 1.22 14.90 14.44
N THR A 145 2.14 15.84 14.62
CA THR A 145 1.85 17.12 14.10
C THR A 145 2.07 17.25 12.58
N ARG A 146 1.70 18.36 11.95
CA ARG A 146 1.94 18.56 10.55
C ARG A 146 3.38 18.51 10.29
N GLU A 147 4.20 19.15 11.12
CA GLU A 147 5.61 19.12 10.96
C GLU A 147 6.21 17.68 11.03
N GLU A 148 5.76 16.92 11.98
CA GLU A 148 6.26 15.54 12.16
C GLU A 148 5.82 14.72 10.93
N LYS A 149 4.65 14.98 10.37
CA LYS A 149 4.21 14.27 9.12
C LYS A 149 5.08 14.62 7.98
N VAL A 150 5.36 15.94 7.77
CA VAL A 150 6.19 16.36 6.64
C VAL A 150 7.59 15.74 6.74
N GLU A 151 8.21 15.72 7.91
CA GLU A 151 9.53 15.17 8.11
C GLU A 151 9.50 13.63 7.92
N LEU A 152 8.41 13.01 8.39
CA LEU A 152 8.29 11.53 8.21
C LEU A 152 8.26 11.24 6.72
N SER A 153 7.49 11.96 5.92
CA SER A 153 7.48 11.70 4.47
C SER A 153 8.82 11.95 3.85
N LYS A 154 9.54 13.00 4.31
CA LYS A 154 10.85 13.26 3.73
C LYS A 154 11.84 12.17 4.04
N THR A 155 11.88 11.72 5.28
CA THR A 155 12.83 10.66 5.67
C THR A 155 12.49 9.34 4.94
N LEU A 156 11.17 9.03 4.95
CA LEU A 156 10.82 7.78 4.27
C LEU A 156 11.14 7.87 2.79
N THR A 157 10.93 9.02 2.19
CA THR A 157 11.29 9.19 0.76
C THR A 157 12.77 9.02 0.50
N LYS A 158 13.63 9.54 1.36
CA LYS A 158 15.07 9.28 1.30
C LYS A 158 15.36 7.81 1.38
N LEU A 159 14.74 7.12 2.32
CA LEU A 159 15.00 5.67 2.39
C LEU A 159 14.52 4.92 1.15
N ARG A 160 13.31 5.26 0.66
N ARG A 160 13.33 5.25 0.64
CA ARG A 160 12.83 4.60 -0.54
CA ARG A 160 12.87 4.57 -0.58
C ARG A 160 13.77 4.87 -1.74
C ARG A 160 13.88 4.83 -1.70
N ASN A 161 14.23 6.10 -1.88
CA ASN A 161 15.12 6.42 -3.03
C ASN A 161 16.47 5.74 -2.94
N HIS A 162 17.00 5.50 -1.73
N HIS A 162 16.96 5.44 -1.75
CA HIS A 162 18.26 4.78 -1.56
CA HIS A 162 18.25 4.83 -1.64
C HIS A 162 18.09 3.31 -1.89
C HIS A 162 18.20 3.30 -1.60
N THR A 163 16.99 2.74 -1.42
CA THR A 163 16.88 1.29 -1.31
C THR A 163 16.14 0.68 -2.52
N LEU A 164 15.15 1.34 -3.14
CA LEU A 164 14.44 0.74 -4.32
C LEU A 164 15.49 0.36 -5.43
N PRO A 165 16.48 1.17 -5.72
CA PRO A 165 17.42 0.70 -6.81
C PRO A 165 18.27 -0.46 -6.43
N LEU A 166 18.33 -0.87 -5.18
CA LEU A 166 19.13 -2.05 -4.87
C LEU A 166 18.57 -3.29 -5.50
N THR A 167 17.27 -3.33 -5.77
CA THR A 167 16.69 -4.49 -6.45
C THR A 167 15.78 -4.13 -7.63
N HIS A 168 15.45 -2.87 -7.85
CA HIS A 168 14.55 -2.55 -8.97
C HIS A 168 15.38 -1.65 -9.86
N LYS A 169 15.99 -2.21 -10.91
N LYS A 169 15.85 -2.29 -10.96
CA LYS A 169 16.94 -1.38 -11.67
CA LYS A 169 16.86 -1.69 -11.86
C LYS A 169 16.26 -1.05 -13.03
C LYS A 169 16.12 -1.13 -13.10
N HIS A 170 15.59 0.09 -12.99
CA HIS A 170 14.88 0.75 -14.06
C HIS A 170 13.57 0.09 -14.34
N THR A 171 13.10 -0.81 -13.52
CA THR A 171 11.86 -1.51 -13.72
C THR A 171 10.67 -0.73 -13.15
N LYS A 172 10.92 0.27 -12.29
CA LYS A 172 9.76 1.05 -11.72
C LYS A 172 9.95 2.47 -12.09
N THR A 173 8.79 3.14 -12.37
CA THR A 173 8.75 4.61 -12.49
C THR A 173 7.52 4.97 -11.66
N LEU A 174 7.74 4.99 -10.35
CA LEU A 174 6.59 5.03 -9.43
C LEU A 174 5.78 6.27 -9.60
N THR A 175 4.47 6.16 -9.43
CA THR A 175 3.61 7.33 -9.61
C THR A 175 4.14 8.50 -8.71
N PRO A 176 4.26 9.70 -9.29
CA PRO A 176 4.84 10.77 -8.50
C PRO A 176 3.80 11.52 -7.69
N PHE A 177 3.29 10.83 -6.67
CA PHE A 177 2.24 11.48 -5.84
C PHE A 177 2.73 12.75 -5.15
N LYS A 178 1.83 13.73 -5.07
CA LYS A 178 2.03 15.03 -4.41
C LYS A 178 1.08 15.09 -3.25
N TYR A 179 1.35 16.05 -2.37
CA TYR A 179 0.36 16.47 -1.33
C TYR A 179 0.43 18.09 -1.33
N ILE A 180 -0.45 18.78 -0.67
CA ILE A 180 -0.30 20.28 -0.61
C ILE A 180 -0.11 20.71 0.86
CAF 5JD B . -1.75 2.93 -1.49
CAI 5JD B . -0.55 2.25 -1.55
CL1 5JD B . -0.07 1.54 -0.09
CAH 5JD B . 0.15 2.22 -2.71
CL2 5JD B . 1.72 1.28 -2.67
CAE 5JD B . -0.25 2.89 -3.90
CAD 5JD B . -1.41 3.63 -3.80
CAG 5JD B . -2.14 3.61 -2.67
OAA 5JD B . -3.29 4.33 -2.66
#